data_8Q6K
#
_entry.id   8Q6K
#
_cell.length_a   65.740
_cell.length_b   71.041
_cell.length_c   122.173
_cell.angle_alpha   90.00
_cell.angle_beta   90.00
_cell.angle_gamma   90.00
#
_symmetry.space_group_name_H-M   'P 21 21 21'
#
loop_
_entity.id
_entity.type
_entity.pdbx_description
1 polymer 'Human IgD Fab light chain'
2 polymer 'Human IgD Fab heavy chain'
3 polymer 'Nanobody 072'
4 non-polymer 1,2-ETHANEDIOL
5 non-polymer 'ACETATE ION'
6 non-polymer 'SODIUM ION'
7 water water
#
loop_
_entity_poly.entity_id
_entity_poly.type
_entity_poly.pdbx_seq_one_letter_code
_entity_poly.pdbx_strand_id
1 'polypeptide(L)'
;(PCA)SALTQPPSVSGAPGQRVSISCTGGSSNFGAGYDVHWYQQLPATAPKLLIYGNNNRPSGVPDRFSGSKSGTSASLA
ITGLQAEDEGDYFCQSFDTSLSGWIFGGGTKLTVLGQPKAAPSVTLFPPSSEELQANKATLVCLISDFYPGAVTVAWKAD
SSPVKAGVETTTPSKQSNNKYAASSYLSLTPEQWKSHRSYSCQVTHEGSTVEKTVAPTECS
;
L
2 'polypeptide(L)'
;(PCA)VQLVQSGAEVRNPGASVKVSCKASGYTFTSYAIHWVRQAPGHRLEWVGRINTDNGNTKYSQKFHGRVALSRDTSA
STTYMDLSSLNSEDTAVYYCARAFYYSSGVMFDSWGQGALVTVSSAPTKAPDVFPIISGCRHPKDNSPVVLACLITGYHP
TSVTVTWYMGTQSQPQRTFPEIQRRDSYYMTSSQLSTPLQQWRQGEYKCVVQHTASKSKKEIFRWPESPKA
;
H
3 'polypeptide(L)'
;MQVQLQESGGGLVQAGGSLRLSCAASGFTFDDYAIGWFRQAPGKEREGVSGIRRSDGSTHYADSVKGRFTISTDNAKNTV
YLQMNNLKPEDTAVYYCAAAGTPSYYYTEPLSLGTYDYWGQGTQVTVSSAAAENLYFQGGSHHHHHH
;
N
#
loop_
_chem_comp.id
_chem_comp.type
_chem_comp.name
_chem_comp.formula
ACT non-polymer 'ACETATE ION' 'C2 H3 O2 -1'
EDO non-polymer 1,2-ETHANEDIOL 'C2 H6 O2'
NA non-polymer 'SODIUM ION' 'Na 1'
#
# COMPACT_ATOMS: atom_id res chain seq x y z
N PCA A 1 -24.03 -0.18 0.95
CA PCA A 1 -22.87 0.52 0.42
CB PCA A 1 -22.10 1.23 1.53
CG PCA A 1 -22.68 0.74 2.85
CD PCA A 1 -23.89 -0.04 2.40
OE PCA A 1 -24.69 -0.50 3.21
C PCA A 1 -21.94 -0.44 -0.31
O PCA A 1 -21.81 -1.60 0.06
N SER A 2 -21.31 0.06 -1.37
CA SER A 2 -20.43 -0.76 -2.18
C SER A 2 -18.97 -0.54 -1.81
N ALA A 3 -18.73 -0.25 -0.54
CA ALA A 3 -17.37 -0.08 -0.03
C ALA A 3 -17.34 -0.53 1.42
N LEU A 4 -16.13 -0.71 1.93
CA LEU A 4 -15.91 -1.11 3.32
C LEU A 4 -15.41 0.07 4.13
N THR A 5 -15.97 0.25 5.32
CA THR A 5 -15.61 1.34 6.22
C THR A 5 -14.92 0.77 7.45
N GLN A 6 -13.71 1.25 7.72
CA GLN A 6 -12.94 1.00 8.93
C GLN A 6 -12.71 2.31 9.66
N PRO A 7 -12.51 2.26 10.98
CA PRO A 7 -12.08 3.46 11.70
C PRO A 7 -10.69 3.87 11.27
N PRO A 8 -10.41 5.17 11.19
CA PRO A 8 -9.06 5.61 10.80
C PRO A 8 -7.96 5.06 11.69
N SER A 9 -8.19 4.98 12.99
CA SER A 9 -7.17 4.54 13.93
C SER A 9 -7.81 3.87 15.13
N VAL A 10 -7.04 2.99 15.77
CA VAL A 10 -7.45 2.33 17.01
C VAL A 10 -6.20 2.16 17.87
N SER A 11 -6.29 2.57 19.13
CA SER A 11 -5.16 2.51 20.05
C SER A 11 -5.50 1.63 21.25
N GLY A 12 -4.46 1.03 21.82
CA GLY A 12 -4.64 0.17 22.98
C GLY A 12 -3.32 -0.07 23.68
N ALA A 13 -3.42 -0.39 24.96
CA ALA A 13 -2.26 -0.67 25.78
C ALA A 13 -1.71 -2.06 25.50
N PRO A 14 -0.42 -2.29 25.77
CA PRO A 14 0.14 -3.62 25.58
C PRO A 14 -0.53 -4.63 26.51
N GLY A 15 -0.77 -5.82 25.98
CA GLY A 15 -1.51 -6.85 26.70
C GLY A 15 -3.01 -6.63 26.77
N GLN A 16 -3.49 -5.47 26.32
CA GLN A 16 -4.92 -5.19 26.31
C GLN A 16 -5.53 -5.67 24.99
N ARG A 17 -6.78 -5.32 24.74
CA ARG A 17 -7.51 -5.78 23.57
C ARG A 17 -7.96 -4.59 22.74
N VAL A 18 -8.11 -4.80 21.43
CA VAL A 18 -8.60 -3.80 20.52
C VAL A 18 -9.50 -4.49 19.49
N SER A 19 -10.46 -3.73 18.95
CA SER A 19 -11.39 -4.23 17.95
C SER A 19 -11.43 -3.26 16.78
N ILE A 20 -11.43 -3.82 15.57
CA ILE A 20 -11.44 -3.03 14.35
C ILE A 20 -12.66 -3.43 13.53
N SER A 21 -13.61 -2.51 13.39
CA SER A 21 -14.84 -2.78 12.67
C SER A 21 -14.66 -2.52 11.18
N CYS A 22 -15.27 -3.39 10.38
CA CYS A 22 -15.24 -3.26 8.93
C CYS A 22 -16.67 -3.52 8.44
N THR A 23 -17.41 -2.46 8.20
CA THR A 23 -18.79 -2.55 7.75
C THR A 23 -18.87 -2.41 6.24
N GLY A 24 -19.79 -3.15 5.63
CA GLY A 24 -19.98 -3.17 4.20
C GLY A 24 -21.43 -2.92 3.85
N GLY A 25 -21.92 -3.69 2.88
CA GLY A 25 -23.26 -3.51 2.37
C GLY A 25 -23.79 -4.80 1.77
N SER A 26 -25.06 -4.74 1.35
CA SER A 26 -25.72 -5.89 0.76
C SER A 26 -25.02 -6.40 -0.50
N SER A 27 -24.29 -5.55 -1.21
CA SER A 27 -23.68 -5.96 -2.46
C SER A 27 -22.32 -6.64 -2.27
N ASN A 28 -21.80 -6.68 -1.04
CA ASN A 28 -20.56 -7.40 -0.80
C ASN A 28 -20.74 -8.42 0.32
N PHE A 29 -20.78 -7.95 1.57
CA PHE A 29 -20.99 -8.84 2.70
C PHE A 29 -22.37 -9.49 2.64
N GLY A 30 -23.42 -8.70 2.35
CA GLY A 30 -24.77 -9.23 2.31
C GLY A 30 -25.04 -10.20 1.19
N ALA A 31 -24.26 -10.14 0.11
CA ALA A 31 -24.40 -11.09 -0.98
C ALA A 31 -23.82 -12.46 -0.64
N GLY A 32 -23.03 -12.56 0.42
CA GLY A 32 -22.36 -13.79 0.77
C GLY A 32 -20.85 -13.76 0.62
N TYR A 33 -20.25 -12.73 0.01
CA TYR A 33 -18.80 -12.69 -0.08
C TYR A 33 -18.21 -12.44 1.30
N ASP A 34 -17.21 -13.22 1.67
CA ASP A 34 -16.61 -13.10 2.99
C ASP A 34 -15.68 -11.89 3.03
N VAL A 35 -15.10 -11.67 4.21
CA VAL A 35 -14.11 -10.62 4.41
C VAL A 35 -12.74 -11.26 4.59
N HIS A 36 -11.72 -10.63 4.03
CA HIS A 36 -10.33 -10.99 4.25
C HIS A 36 -9.62 -9.81 4.89
N TRP A 37 -8.69 -10.11 5.80
CA TRP A 37 -7.96 -9.08 6.54
C TRP A 37 -6.48 -9.15 6.18
N TYR A 38 -5.87 -7.97 6.03
CA TYR A 38 -4.46 -7.86 5.67
C TYR A 38 -3.76 -6.96 6.66
N GLN A 39 -2.56 -7.38 7.08
CA GLN A 39 -1.72 -6.63 8.00
C GLN A 39 -0.53 -6.06 7.23
N GLN A 40 -0.33 -4.75 7.32
CA GLN A 40 0.78 -4.08 6.66
C GLN A 40 1.59 -3.34 7.72
N LEU A 41 2.74 -3.91 8.09
CA LEU A 41 3.63 -3.29 9.05
C LEU A 41 4.34 -2.10 8.40
N PRO A 42 4.97 -1.23 9.18
CA PRO A 42 5.70 -0.10 8.59
C PRO A 42 6.77 -0.57 7.61
N ALA A 43 6.76 0.03 6.42
CA ALA A 43 7.76 -0.22 5.38
C ALA A 43 7.82 -1.70 4.98
N THR A 44 6.66 -2.27 4.66
CA THR A 44 6.61 -3.64 4.18
C THR A 44 5.32 -3.84 3.39
N ALA A 45 5.26 -4.97 2.68
CA ALA A 45 4.10 -5.30 1.88
C ALA A 45 2.98 -5.86 2.76
N PRO A 46 1.72 -5.73 2.32
CA PRO A 46 0.62 -6.31 3.09
C PRO A 46 0.76 -7.83 3.19
N LYS A 47 0.30 -8.36 4.32
CA LYS A 47 0.33 -9.79 4.59
C LYS A 47 -1.07 -10.26 4.94
N LEU A 48 -1.46 -11.41 4.40
CA LEU A 48 -2.78 -11.96 4.68
C LEU A 48 -2.86 -12.37 6.14
N LEU A 49 -3.66 -11.64 6.92
CA LEU A 49 -3.79 -11.89 8.35
C LEU A 49 -4.91 -12.87 8.65
N ILE A 50 -6.12 -12.62 8.15
CA ILE A 50 -7.27 -13.49 8.36
C ILE A 50 -8.07 -13.56 7.08
N TYR A 51 -8.43 -14.78 6.67
CA TYR A 51 -9.25 -15.00 5.50
C TYR A 51 -10.53 -15.73 5.89
N GLY A 52 -11.55 -15.61 5.04
CA GLY A 52 -12.81 -16.27 5.28
C GLY A 52 -13.44 -15.93 6.62
N ASN A 53 -13.51 -14.63 6.93
CA ASN A 53 -14.12 -14.09 8.13
C ASN A 53 -13.33 -14.39 9.40
N ASN A 54 -12.93 -15.66 9.60
CA ASN A 54 -12.35 -16.05 10.89
C ASN A 54 -11.23 -17.08 10.79
N ASN A 55 -10.71 -17.36 9.60
CA ASN A 55 -9.65 -18.33 9.44
C ASN A 55 -8.29 -17.64 9.40
N ARG A 56 -7.28 -18.34 9.92
CA ARG A 56 -5.92 -17.84 9.99
C ARG A 56 -5.00 -18.73 9.15
N PRO A 57 -4.22 -18.16 8.24
CA PRO A 57 -3.27 -18.99 7.48
C PRO A 57 -2.07 -19.39 8.33
N SER A 58 -1.10 -20.06 7.73
CA SER A 58 0.07 -20.53 8.47
C SER A 58 0.91 -19.34 8.92
N GLY A 59 1.15 -19.25 10.23
CA GLY A 59 2.00 -18.22 10.80
C GLY A 59 1.26 -17.16 11.60
N VAL A 60 -0.07 -17.17 11.60
CA VAL A 60 -0.85 -16.14 12.30
C VAL A 60 -1.16 -16.65 13.71
N PRO A 61 -0.80 -15.91 14.75
CA PRO A 61 -1.07 -16.36 16.12
C PRO A 61 -2.55 -16.30 16.45
N ASP A 62 -2.90 -16.97 17.54
CA ASP A 62 -4.28 -17.02 18.01
C ASP A 62 -4.77 -15.68 18.53
N ARG A 63 -3.89 -14.70 18.73
CA ARG A 63 -4.29 -13.39 19.23
C ARG A 63 -5.15 -12.62 18.23
N PHE A 64 -5.24 -13.07 16.98
CA PHE A 64 -6.04 -12.41 15.95
C PHE A 64 -7.26 -13.28 15.66
N SER A 65 -8.44 -12.70 15.81
CA SER A 65 -9.70 -13.37 15.48
C SER A 65 -10.58 -12.42 14.69
N GLY A 66 -11.61 -12.97 14.08
CA GLY A 66 -12.50 -12.19 13.24
C GLY A 66 -13.90 -12.73 13.23
N SER A 67 -14.87 -11.84 13.05
CA SER A 67 -16.27 -12.20 12.92
C SER A 67 -16.90 -11.36 11.82
N LYS A 68 -18.05 -11.81 11.34
CA LYS A 68 -18.78 -11.14 10.27
C LYS A 68 -20.25 -11.49 10.42
N SER A 69 -21.11 -10.48 10.29
CA SER A 69 -22.56 -10.65 10.40
C SER A 69 -23.27 -10.47 9.06
N GLY A 70 -22.53 -10.40 7.96
CA GLY A 70 -23.12 -10.14 6.66
C GLY A 70 -23.30 -8.68 6.32
N THR A 71 -22.98 -7.77 7.23
CA THR A 71 -23.05 -6.36 6.89
C THR A 71 -21.98 -5.59 7.64
N SER A 72 -21.40 -6.23 8.67
CA SER A 72 -20.36 -5.59 9.48
C SER A 72 -19.45 -6.69 10.02
N ALA A 73 -18.17 -6.58 9.69
CA ALA A 73 -17.12 -7.47 10.16
C ALA A 73 -16.33 -6.80 11.27
N SER A 74 -15.50 -7.59 11.94
CA SER A 74 -14.73 -7.09 13.09
C SER A 74 -13.44 -7.90 13.22
N LEU A 75 -12.32 -7.19 13.33
CA LEU A 75 -11.02 -7.81 13.60
C LEU A 75 -10.61 -7.43 15.03
N ALA A 76 -10.59 -8.40 15.92
CA ALA A 76 -10.21 -8.19 17.31
C ALA A 76 -8.79 -8.70 17.54
N ILE A 77 -8.02 -7.94 18.32
CA ILE A 77 -6.64 -8.29 18.65
C ILE A 77 -6.48 -8.29 20.16
N THR A 78 -6.15 -9.45 20.71
CA THR A 78 -5.97 -9.61 22.16
C THR A 78 -4.48 -9.68 22.48
N GLY A 79 -4.11 -9.12 23.64
CA GLY A 79 -2.72 -9.11 24.04
C GLY A 79 -1.85 -8.34 23.08
N LEU A 80 -2.03 -7.03 23.03
CA LEU A 80 -1.32 -6.21 22.06
C LEU A 80 0.18 -6.24 22.30
N GLN A 81 0.93 -6.41 21.21
CA GLN A 81 2.38 -6.32 21.22
C GLN A 81 2.81 -5.06 20.47
N ALA A 82 4.04 -4.63 20.76
CA ALA A 82 4.60 -3.48 20.05
C ALA A 82 4.73 -3.78 18.56
N GLU A 83 5.09 -5.01 18.21
CA GLU A 83 5.20 -5.41 16.80
C GLU A 83 3.86 -5.47 16.09
N ASP A 84 2.73 -5.35 16.81
CA ASP A 84 1.43 -5.32 16.17
C ASP A 84 1.14 -3.97 15.52
N GLU A 85 1.97 -2.96 15.76
CA GLU A 85 1.74 -1.65 15.16
C GLU A 85 1.80 -1.72 13.65
N GLY A 86 0.83 -1.08 13.01
CA GLY A 86 0.77 -1.07 11.56
C GLY A 86 -0.64 -0.75 11.10
N ASP A 87 -0.86 -0.95 9.80
CA ASP A 87 -2.15 -0.71 9.17
C ASP A 87 -2.82 -2.05 8.88
N TYR A 88 -4.10 -2.16 9.21
CA TYR A 88 -4.86 -3.38 9.01
C TYR A 88 -6.01 -3.09 8.05
N PHE A 89 -6.04 -3.80 6.92
CA PHE A 89 -7.03 -3.60 5.88
C PHE A 89 -7.96 -4.80 5.82
N CYS A 90 -9.26 -4.52 5.66
CA CYS A 90 -10.20 -5.56 5.27
C CYS A 90 -10.47 -5.45 3.76
N GLN A 91 -11.00 -6.52 3.20
CA GLN A 91 -11.15 -6.64 1.76
C GLN A 91 -12.25 -7.63 1.43
N SER A 92 -13.01 -7.35 0.38
CA SER A 92 -14.09 -8.22 -0.05
C SER A 92 -14.28 -8.04 -1.55
N PHE A 93 -15.43 -8.50 -2.05
CA PHE A 93 -15.80 -8.32 -3.45
C PHE A 93 -17.21 -7.75 -3.49
N ASP A 94 -17.44 -6.80 -4.39
CA ASP A 94 -18.74 -6.16 -4.52
C ASP A 94 -19.40 -6.55 -5.83
N THR A 95 -20.67 -6.97 -5.75
CA THR A 95 -21.40 -7.41 -6.94
C THR A 95 -22.01 -6.25 -7.72
N SER A 96 -22.22 -5.09 -7.09
CA SER A 96 -22.77 -3.96 -7.84
C SER A 96 -21.71 -3.27 -8.68
N LEU A 97 -20.45 -3.33 -8.25
CA LEU A 97 -19.33 -2.81 -9.02
C LEU A 97 -18.61 -3.89 -9.82
N SER A 98 -18.84 -5.15 -9.49
CA SER A 98 -18.12 -6.27 -10.08
C SER A 98 -16.61 -6.05 -9.95
N GLY A 99 -16.16 -5.82 -8.73
CA GLY A 99 -14.76 -5.59 -8.47
C GLY A 99 -14.43 -5.75 -7.00
N TRP A 100 -13.16 -6.01 -6.74
CA TRP A 100 -12.70 -6.21 -5.37
C TRP A 100 -12.52 -4.86 -4.67
N ILE A 101 -12.84 -4.82 -3.38
CA ILE A 101 -12.83 -3.59 -2.61
C ILE A 101 -11.98 -3.77 -1.37
N PHE A 102 -11.43 -2.67 -0.88
CA PHE A 102 -10.62 -2.66 0.33
C PHE A 102 -11.16 -1.61 1.30
N GLY A 103 -11.06 -1.91 2.58
CA GLY A 103 -11.35 -0.91 3.58
C GLY A 103 -10.29 0.16 3.64
N GLY A 104 -10.69 1.31 4.19
CA GLY A 104 -9.80 2.45 4.31
C GLY A 104 -8.55 2.18 5.12
N GLY A 105 -8.55 1.13 5.92
CA GLY A 105 -7.38 0.80 6.72
C GLY A 105 -7.44 1.43 8.10
N THR A 106 -6.93 0.71 9.09
CA THR A 106 -6.94 1.19 10.47
C THR A 106 -5.52 1.15 11.01
N LYS A 107 -5.01 2.31 11.42
CA LYS A 107 -3.70 2.40 12.03
C LYS A 107 -3.79 1.96 13.48
N LEU A 108 -3.02 0.93 13.84
CA LEU A 108 -2.97 0.43 15.21
C LEU A 108 -1.78 1.05 15.92
N THR A 109 -2.04 1.87 16.92
CA THR A 109 -1.01 2.46 17.76
C THR A 109 -1.00 1.76 19.11
N VAL A 110 0.17 1.30 19.53
CA VAL A 110 0.34 0.63 20.82
C VAL A 110 0.91 1.66 21.80
N LEU A 111 0.08 2.08 22.74
CA LEU A 111 0.47 3.09 23.73
C LEU A 111 1.34 2.45 24.82
N GLY A 112 1.79 3.28 25.76
CA GLY A 112 2.57 2.78 26.86
C GLY A 112 4.01 2.43 26.54
N GLN A 113 4.46 2.72 25.33
N GLN A 113 4.47 2.73 25.33
CA GLN A 113 5.86 2.46 24.97
CA GLN A 113 5.85 2.43 24.99
C GLN A 113 6.78 3.31 25.83
C GLN A 113 6.81 3.33 25.77
N PRO A 114 8.01 2.84 26.08
CA PRO A 114 8.92 3.60 26.94
C PRO A 114 9.35 4.92 26.31
N LYS A 115 9.22 5.99 27.08
CA LYS A 115 9.57 7.33 26.61
C LYS A 115 11.08 7.47 26.46
N ALA A 116 11.49 8.29 25.50
CA ALA A 116 12.90 8.49 25.20
C ALA A 116 13.15 9.96 24.90
N ALA A 117 14.14 10.53 25.58
CA ALA A 117 14.53 11.90 25.28
C ALA A 117 15.25 11.95 23.93
N PRO A 118 15.09 13.05 23.19
CA PRO A 118 15.74 13.14 21.88
C PRO A 118 17.25 13.34 22.01
N SER A 119 17.99 12.76 21.08
CA SER A 119 19.41 12.99 20.92
C SER A 119 19.59 14.08 19.86
N VAL A 120 20.06 15.25 20.27
CA VAL A 120 20.09 16.44 19.42
C VAL A 120 21.53 16.79 19.10
N THR A 121 21.81 16.97 17.80
CA THR A 121 23.12 17.40 17.34
C THR A 121 22.94 18.50 16.31
N LEU A 122 23.63 19.61 16.49
CA LEU A 122 23.53 20.76 15.62
C LEU A 122 24.80 20.88 14.78
N PHE A 123 24.63 20.95 13.47
CA PHE A 123 25.75 21.00 12.55
C PHE A 123 25.87 22.38 11.94
N PRO A 124 27.06 22.98 11.94
CA PRO A 124 27.27 24.25 11.27
C PRO A 124 27.38 24.05 9.77
N PRO A 125 27.39 25.13 8.98
CA PRO A 125 27.57 24.97 7.52
C PRO A 125 28.94 24.41 7.19
N SER A 126 28.96 23.44 6.29
CA SER A 126 30.23 22.88 5.84
C SER A 126 30.97 23.89 4.97
N SER A 127 32.30 23.82 5.03
CA SER A 127 33.11 24.69 4.19
C SER A 127 32.76 24.52 2.71
N GLU A 128 32.54 23.27 2.29
CA GLU A 128 32.13 23.00 0.92
C GLU A 128 30.83 23.71 0.58
N GLU A 129 29.84 23.65 1.46
CA GLU A 129 28.58 24.33 1.19
C GLU A 129 28.78 25.83 1.12
N LEU A 130 29.59 26.40 2.01
CA LEU A 130 29.85 27.83 1.99
C LEU A 130 30.52 28.25 0.68
N GLN A 131 31.37 27.40 0.12
CA GLN A 131 31.99 27.69 -1.17
C GLN A 131 30.98 27.63 -2.33
N ALA A 132 29.79 27.08 -2.09
CA ALA A 132 28.70 27.09 -3.06
C ALA A 132 27.72 28.23 -2.80
N ASN A 133 28.12 29.23 -2.01
CA ASN A 133 27.28 30.38 -1.66
C ASN A 133 25.98 29.95 -1.01
N LYS A 134 26.00 28.84 -0.27
CA LYS A 134 24.83 28.35 0.44
C LYS A 134 25.25 27.95 1.85
N ALA A 135 24.35 28.15 2.81
CA ALA A 135 24.63 27.81 4.20
C ALA A 135 23.37 27.23 4.82
N THR A 136 23.47 26.02 5.34
CA THR A 136 22.34 25.35 5.98
C THR A 136 22.78 24.84 7.35
N LEU A 137 22.05 25.25 8.37
CA LEU A 137 22.22 24.69 9.71
C LEU A 137 21.36 23.43 9.82
N VAL A 138 21.96 22.35 10.28
CA VAL A 138 21.30 21.05 10.36
C VAL A 138 21.18 20.66 11.83
N CYS A 139 19.94 20.51 12.29
CA CYS A 139 19.64 20.06 13.63
C CYS A 139 19.01 18.67 13.52
N LEU A 140 19.78 17.63 13.84
CA LEU A 140 19.31 16.27 13.75
C LEU A 140 18.78 15.81 15.10
N ILE A 141 17.58 15.23 15.11
CA ILE A 141 16.83 14.88 16.31
C ILE A 141 16.41 13.42 16.16
N SER A 142 17.00 12.54 16.98
CA SER A 142 16.79 11.11 16.79
C SER A 142 16.52 10.43 18.12
N ASP A 143 15.93 9.23 18.02
CA ASP A 143 15.86 8.27 19.13
C ASP A 143 14.97 8.75 20.28
N PHE A 144 13.80 9.28 19.93
CA PHE A 144 12.87 9.78 20.94
C PHE A 144 11.50 9.16 20.76
N TYR A 145 10.70 9.21 21.84
CA TYR A 145 9.34 8.71 21.86
C TYR A 145 8.61 9.41 22.99
N PRO A 146 7.37 9.88 22.79
CA PRO A 146 6.59 9.80 21.54
C PRO A 146 7.05 10.79 20.48
N GLY A 147 6.31 10.87 19.37
CA GLY A 147 6.77 11.61 18.20
C GLY A 147 6.63 13.12 18.26
N ALA A 148 5.87 13.65 19.22
CA ALA A 148 5.64 15.09 19.27
C ALA A 148 6.90 15.83 19.71
N VAL A 149 7.40 16.72 18.87
CA VAL A 149 8.50 17.61 19.23
C VAL A 149 8.24 18.98 18.63
N THR A 150 8.82 20.00 19.26
CA THR A 150 8.75 21.38 18.79
C THR A 150 10.17 21.89 18.64
N VAL A 151 10.47 22.50 17.49
CA VAL A 151 11.81 22.98 17.19
C VAL A 151 11.74 24.50 17.03
N ALA A 152 12.68 25.19 17.67
CA ALA A 152 12.77 26.64 17.61
C ALA A 152 14.23 27.03 17.38
N TRP A 153 14.43 28.04 16.55
CA TRP A 153 15.76 28.50 16.20
C TRP A 153 16.02 29.88 16.79
N LYS A 154 17.27 30.13 17.17
CA LYS A 154 17.66 31.41 17.74
C LYS A 154 18.96 31.88 17.10
N ALA A 155 18.95 33.10 16.58
CA ALA A 155 20.17 33.78 16.17
C ALA A 155 20.61 34.65 17.34
N ASP A 156 21.81 34.38 17.87
CA ASP A 156 22.23 34.94 19.15
C ASP A 156 21.22 34.60 20.23
N SER A 157 20.35 35.54 20.58
CA SER A 157 19.32 35.33 21.58
C SER A 157 17.92 35.58 21.05
N SER A 158 17.76 35.90 19.78
CA SER A 158 16.48 36.27 19.20
C SER A 158 15.90 35.13 18.38
N PRO A 159 14.58 34.94 18.42
CA PRO A 159 13.97 33.86 17.63
C PRO A 159 14.15 34.09 16.14
N VAL A 160 14.13 32.98 15.39
CA VAL A 160 14.23 33.00 13.94
C VAL A 160 13.13 32.10 13.39
N LYS A 161 12.42 32.58 12.37
CA LYS A 161 11.35 31.79 11.77
C LYS A 161 11.53 31.71 10.26
N ALA A 162 12.19 32.71 9.66
CA ALA A 162 12.40 32.73 8.23
C ALA A 162 13.51 31.77 7.84
N GLY A 163 13.27 30.96 6.81
CA GLY A 163 14.25 30.00 6.34
C GLY A 163 14.30 28.70 7.11
N VAL A 164 13.29 28.42 7.95
CA VAL A 164 13.25 27.21 8.77
C VAL A 164 12.36 26.18 8.09
N GLU A 165 12.86 24.95 8.00
CA GLU A 165 12.10 23.82 7.50
C GLU A 165 12.31 22.66 8.47
N THR A 166 11.22 22.23 9.11
CA THR A 166 11.25 21.17 10.11
C THR A 166 10.44 19.99 9.61
N THR A 167 11.06 18.82 9.58
CA THR A 167 10.37 17.63 9.11
C THR A 167 9.32 17.19 10.12
N THR A 168 8.22 16.67 9.60
CA THR A 168 7.28 15.95 10.44
C THR A 168 7.99 14.72 11.00
N PRO A 169 7.91 14.47 12.30
CA PRO A 169 8.58 13.29 12.85
C PRO A 169 7.95 12.01 12.35
N SER A 170 8.77 10.98 12.19
CA SER A 170 8.27 9.69 11.75
C SER A 170 9.13 8.60 12.35
N LYS A 171 8.51 7.44 12.55
CA LYS A 171 9.23 6.30 13.12
C LYS A 171 10.22 5.74 12.11
N GLN A 172 11.43 5.45 12.58
CA GLN A 172 12.45 4.82 11.77
C GLN A 172 12.49 3.33 12.06
N SER A 173 13.38 2.61 11.38
CA SER A 173 13.49 1.17 11.57
C SER A 173 13.92 0.79 12.97
N ASN A 174 14.37 1.74 13.79
CA ASN A 174 14.73 1.47 15.18
C ASN A 174 13.54 1.54 16.12
N ASN A 175 12.33 1.68 15.59
CA ASN A 175 11.08 1.86 16.34
C ASN A 175 11.07 3.14 17.16
N LYS A 176 12.00 4.06 16.90
CA LYS A 176 12.05 5.36 17.54
C LYS A 176 11.74 6.44 16.51
N TYR A 177 11.29 7.59 17.00
CA TYR A 177 11.02 8.69 16.10
C TYR A 177 12.29 9.49 15.82
N ALA A 178 12.36 10.05 14.62
CA ALA A 178 13.46 10.92 14.24
C ALA A 178 12.90 12.12 13.50
N ALA A 179 13.62 13.23 13.58
CA ALA A 179 13.19 14.47 12.95
C ALA A 179 14.41 15.32 12.67
N SER A 180 14.20 16.38 11.89
CA SER A 180 15.27 17.25 11.44
C SER A 180 14.72 18.65 11.26
N SER A 181 15.57 19.65 11.45
CA SER A 181 15.21 21.02 11.16
C SER A 181 16.37 21.69 10.47
N TYR A 182 16.08 22.45 9.42
CA TYR A 182 17.10 23.08 8.60
C TYR A 182 16.89 24.59 8.61
N LEU A 183 17.93 25.32 8.96
CA LEU A 183 17.91 26.79 8.93
C LEU A 183 18.75 27.24 7.74
N SER A 184 18.08 27.64 6.66
CA SER A 184 18.77 28.13 5.47
C SER A 184 19.23 29.57 5.69
N LEU A 185 20.52 29.81 5.50
CA LEU A 185 21.11 31.12 5.71
C LEU A 185 22.00 31.47 4.53
N THR A 186 22.22 32.78 4.37
CA THR A 186 23.27 33.20 3.46
C THR A 186 24.61 33.15 4.19
N PRO A 187 25.72 33.00 3.45
CA PRO A 187 27.03 33.02 4.11
C PRO A 187 27.27 34.27 4.95
N GLU A 188 26.67 35.41 4.58
CA GLU A 188 26.84 36.62 5.36
C GLU A 188 26.08 36.55 6.68
N GLN A 189 24.87 36.01 6.65
CA GLN A 189 24.11 35.83 7.89
C GLN A 189 24.87 34.94 8.87
N TRP A 190 25.41 33.83 8.37
CA TRP A 190 26.11 32.88 9.24
C TRP A 190 27.34 33.54 9.88
N LYS A 191 28.10 34.33 9.10
CA LYS A 191 29.33 34.93 9.60
C LYS A 191 29.09 36.16 10.47
N SER A 192 27.96 36.84 10.30
CA SER A 192 27.72 38.08 11.03
C SER A 192 27.32 37.82 12.48
N HIS A 193 26.50 36.81 12.72
CA HIS A 193 25.97 36.58 14.05
C HIS A 193 26.99 35.89 14.94
N ARG A 194 26.83 36.08 16.25
CA ARG A 194 27.76 35.50 17.21
C ARG A 194 27.55 33.99 17.34
N SER A 195 26.30 33.54 17.27
CA SER A 195 26.00 32.12 17.40
C SER A 195 24.58 31.86 16.92
N TYR A 196 24.32 30.60 16.57
CA TYR A 196 22.99 30.13 16.26
C TYR A 196 22.66 28.93 17.13
N SER A 197 21.37 28.78 17.46
CA SER A 197 20.93 27.76 18.40
C SER A 197 19.70 27.03 17.88
N CYS A 198 19.67 25.72 18.10
CA CYS A 198 18.52 24.87 17.83
C CYS A 198 17.92 24.45 19.17
N GLN A 199 16.64 24.74 19.38
CA GLN A 199 15.91 24.39 20.59
C GLN A 199 14.89 23.30 20.29
N VAL A 200 14.97 22.19 21.02
CA VAL A 200 14.09 21.04 20.81
C VAL A 200 13.33 20.78 22.11
N THR A 201 12.01 20.93 22.05
CA THR A 201 11.14 20.68 23.19
C THR A 201 10.43 19.34 22.99
N HIS A 202 10.46 18.49 24.03
CA HIS A 202 9.88 17.15 23.94
C HIS A 202 9.45 16.70 25.32
N GLU A 203 8.13 16.70 25.56
CA GLU A 203 7.54 16.12 26.77
CA GLU A 203 7.54 16.12 26.77
C GLU A 203 8.16 16.73 28.03
N GLY A 204 7.86 18.02 28.22
CA GLY A 204 8.28 18.69 29.44
C GLY A 204 9.76 18.93 29.62
N SER A 205 10.56 18.74 28.57
CA SER A 205 11.98 19.07 28.62
C SER A 205 12.40 19.68 27.29
N THR A 206 13.30 20.65 27.37
CA THR A 206 13.81 21.37 26.21
C THR A 206 15.32 21.28 26.20
N VAL A 207 15.89 20.88 25.07
CA VAL A 207 17.34 20.79 24.89
CA VAL A 207 17.34 20.81 24.90
C VAL A 207 17.75 21.81 23.83
N GLU A 208 18.81 22.56 24.11
CA GLU A 208 19.30 23.56 23.18
C GLU A 208 20.78 23.30 22.91
N LYS A 209 21.14 23.28 21.63
CA LYS A 209 22.52 23.19 21.21
C LYS A 209 22.87 24.46 20.44
N THR A 210 24.14 24.85 20.48
CA THR A 210 24.55 26.11 19.88
C THR A 210 25.84 25.91 19.08
N VAL A 211 25.90 26.56 17.92
CA VAL A 211 27.10 26.59 17.10
C VAL A 211 27.49 28.03 16.86
N ALA A 212 28.78 28.26 16.67
CA ALA A 212 29.34 29.57 16.44
C ALA A 212 30.28 29.54 15.24
N PRO A 213 30.41 30.66 14.51
CA PRO A 213 31.28 30.65 13.32
C PRO A 213 32.74 30.40 13.61
N THR A 214 33.23 30.73 14.81
CA THR A 214 34.64 30.60 15.14
C THR A 214 34.88 29.60 16.25
N GLU A 215 34.00 28.60 16.39
CA GLU A 215 34.14 27.64 17.47
C GLU A 215 35.22 26.61 17.21
N CYS A 216 35.70 26.48 15.97
CA CYS A 216 36.72 25.51 15.61
C CYS A 216 38.06 26.19 15.32
N SER A 217 38.38 27.25 16.05
CA SER A 217 39.65 27.96 15.84
C SER A 217 39.38 29.43 15.57
N PCA B 1 9.75 -20.43 -0.92
CA PCA B 1 8.34 -20.20 -0.68
CB PCA B 1 8.10 -19.57 0.69
CG PCA B 1 9.45 -19.06 1.16
CD PCA B 1 10.40 -19.73 0.20
OE PCA B 1 11.62 -19.68 0.37
C PCA B 1 7.74 -19.31 -1.76
O PCA B 1 8.47 -18.82 -2.63
N VAL B 2 6.43 -19.10 -1.70
CA VAL B 2 5.75 -18.23 -2.64
C VAL B 2 6.28 -16.80 -2.50
N GLN B 3 6.68 -16.20 -3.62
CA GLN B 3 7.34 -14.91 -3.58
C GLN B 3 6.99 -14.11 -4.82
N LEU B 4 6.69 -12.83 -4.63
CA LEU B 4 6.44 -11.88 -5.70
C LEU B 4 7.40 -10.71 -5.54
N VAL B 5 8.25 -10.50 -6.56
CA VAL B 5 9.24 -9.43 -6.54
C VAL B 5 8.99 -8.53 -7.76
N GLN B 6 8.84 -7.23 -7.51
CA GLN B 6 8.52 -6.27 -8.54
C GLN B 6 9.72 -5.39 -8.85
N SER B 7 9.64 -4.70 -9.99
CA SER B 7 10.68 -3.78 -10.40
C SER B 7 10.72 -2.56 -9.48
N GLY B 8 11.76 -1.75 -9.65
CA GLY B 8 12.01 -0.63 -8.78
C GLY B 8 11.08 0.54 -9.04
N ALA B 9 11.34 1.63 -8.32
CA ALA B 9 10.52 2.83 -8.42
C ALA B 9 10.75 3.53 -9.77
N GLU B 10 9.73 4.23 -10.22
CA GLU B 10 9.79 4.99 -11.46
C GLU B 10 9.23 6.39 -11.24
N VAL B 11 9.73 7.33 -12.02
CA VAL B 11 9.20 8.68 -12.06
C VAL B 11 8.84 9.00 -13.50
N ARG B 12 7.70 9.68 -13.67
CA ARG B 12 7.15 9.90 -15.00
C ARG B 12 6.58 11.31 -15.10
N ASN B 13 6.75 11.88 -16.29
CA ASN B 13 6.11 13.13 -16.62
C ASN B 13 4.61 12.93 -16.82
N PRO B 14 3.79 13.91 -16.46
CA PRO B 14 2.33 13.79 -16.68
C PRO B 14 2.00 13.60 -18.15
N GLY B 15 1.19 12.58 -18.42
CA GLY B 15 0.82 12.21 -19.78
C GLY B 15 1.64 11.11 -20.37
N ALA B 16 2.73 10.70 -19.71
CA ALA B 16 3.53 9.57 -20.15
C ALA B 16 2.91 8.27 -19.65
N SER B 17 3.61 7.16 -19.85
CA SER B 17 3.16 5.85 -19.39
C SER B 17 4.28 5.17 -18.63
N VAL B 18 3.92 4.15 -17.86
CA VAL B 18 4.89 3.40 -17.08
C VAL B 18 4.54 1.91 -17.15
N LYS B 19 5.57 1.07 -17.17
CA LYS B 19 5.41 -0.38 -17.25
C LYS B 19 6.11 -1.00 -16.05
N VAL B 20 5.32 -1.59 -15.15
CA VAL B 20 5.82 -2.19 -13.91
C VAL B 20 5.73 -3.70 -14.04
N SER B 21 6.79 -4.39 -13.65
CA SER B 21 6.87 -5.84 -13.76
C SER B 21 6.76 -6.49 -12.38
N CYS B 22 6.34 -7.75 -12.38
CA CYS B 22 6.11 -8.50 -11.14
C CYS B 22 6.48 -9.96 -11.42
N LYS B 23 7.65 -10.38 -10.94
CA LYS B 23 8.15 -11.73 -11.16
C LYS B 23 7.72 -12.64 -10.02
N ALA B 24 7.15 -13.79 -10.37
CA ALA B 24 6.68 -14.77 -9.41
C ALA B 24 7.64 -15.94 -9.30
N SER B 25 7.72 -16.51 -8.10
CA SER B 25 8.59 -17.65 -7.85
C SER B 25 8.05 -18.45 -6.67
N GLY B 26 8.60 -19.65 -6.50
CA GLY B 26 8.25 -20.50 -5.39
C GLY B 26 6.98 -21.30 -5.55
N TYR B 27 6.34 -21.27 -6.72
CA TYR B 27 5.11 -22.00 -6.96
C TYR B 27 4.88 -22.06 -8.47
N THR B 28 3.79 -22.73 -8.87
CA THR B 28 3.44 -22.84 -10.28
C THR B 28 2.78 -21.54 -10.72
N PHE B 29 3.46 -20.81 -11.61
CA PHE B 29 3.02 -19.46 -11.97
C PHE B 29 1.67 -19.46 -12.66
N THR B 30 1.43 -20.42 -13.56
CA THR B 30 0.20 -20.43 -14.33
CA THR B 30 0.21 -20.46 -14.34
C THR B 30 -0.98 -21.02 -13.57
N SER B 31 -0.77 -21.54 -12.37
CA SER B 31 -1.87 -22.12 -11.59
C SER B 31 -2.59 -21.11 -10.71
N TYR B 32 -2.20 -19.84 -10.74
CA TYR B 32 -2.81 -18.82 -9.89
C TYR B 32 -2.96 -17.52 -10.67
N ALA B 33 -4.04 -16.80 -10.41
CA ALA B 33 -4.26 -15.50 -11.01
C ALA B 33 -3.50 -14.42 -10.26
N ILE B 34 -3.15 -13.36 -10.98
CA ILE B 34 -2.38 -12.23 -10.44
C ILE B 34 -3.24 -10.98 -10.54
N HIS B 35 -3.39 -10.29 -9.42
CA HIS B 35 -4.09 -9.01 -9.37
C HIS B 35 -3.09 -7.89 -9.12
N TRP B 36 -3.54 -6.67 -9.41
CA TRP B 36 -2.75 -5.47 -9.14
C TRP B 36 -3.58 -4.52 -8.30
N VAL B 37 -2.96 -3.99 -7.24
CA VAL B 37 -3.59 -3.06 -6.31
C VAL B 37 -2.62 -1.90 -6.12
N ARG B 38 -3.15 -0.68 -6.06
CA ARG B 38 -2.31 0.48 -5.83
C ARG B 38 -2.70 1.17 -4.54
N GLN B 39 -1.75 1.92 -3.98
CA GLN B 39 -1.95 2.62 -2.72
C GLN B 39 -1.40 4.03 -2.88
N ALA B 40 -2.30 5.01 -2.98
CA ALA B 40 -1.88 6.39 -3.04
C ALA B 40 -1.61 6.91 -1.63
N PRO B 41 -0.83 7.98 -1.50
CA PRO B 41 -0.62 8.58 -0.18
C PRO B 41 -1.95 9.02 0.43
N GLY B 42 -2.14 8.66 1.70
CA GLY B 42 -3.38 9.01 2.38
C GLY B 42 -4.62 8.41 1.73
N HIS B 43 -4.48 7.26 1.09
CA HIS B 43 -5.60 6.61 0.42
C HIS B 43 -5.66 5.16 0.84
N ARG B 44 -6.83 4.56 0.64
CA ARG B 44 -6.94 3.13 0.85
C ARG B 44 -6.39 2.39 -0.37
N LEU B 45 -6.18 1.08 -0.19
CA LEU B 45 -5.84 0.22 -1.32
C LEU B 45 -6.97 0.27 -2.35
N GLU B 46 -6.60 0.39 -3.63
CA GLU B 46 -7.56 0.41 -4.72
C GLU B 46 -7.22 -0.70 -5.70
N TRP B 47 -8.19 -1.58 -5.95
CA TRP B 47 -8.02 -2.65 -6.93
C TRP B 47 -7.84 -2.06 -8.32
N VAL B 48 -6.89 -2.60 -9.08
CA VAL B 48 -6.59 -2.11 -10.42
C VAL B 48 -7.09 -3.06 -11.49
N GLY B 49 -6.73 -4.33 -11.40
CA GLY B 49 -7.17 -5.28 -12.41
C GLY B 49 -6.67 -6.66 -12.10
N ARG B 50 -7.19 -7.63 -12.85
CA ARG B 50 -6.84 -9.03 -12.75
C ARG B 50 -6.40 -9.53 -14.11
N ILE B 51 -5.50 -10.50 -14.11
CA ILE B 51 -5.11 -11.19 -15.34
C ILE B 51 -4.88 -12.66 -15.01
N ASN B 52 -5.47 -13.54 -15.82
CA ASN B 52 -5.22 -14.97 -15.68
C ASN B 52 -3.84 -15.29 -16.22
N THR B 53 -2.99 -15.88 -15.39
CA THR B 53 -1.63 -16.17 -15.83
C THR B 53 -1.59 -17.28 -16.88
N ASP B 54 -2.67 -18.03 -17.04
CA ASP B 54 -2.72 -19.12 -18.03
C ASP B 54 -3.13 -18.58 -19.39
N ASN B 55 -4.41 -18.23 -19.54
CA ASN B 55 -4.92 -17.79 -20.84
C ASN B 55 -4.70 -16.30 -21.11
N GLY B 56 -4.29 -15.53 -20.11
CA GLY B 56 -3.94 -14.13 -20.32
C GLY B 56 -5.11 -13.18 -20.35
N ASN B 57 -6.34 -13.65 -20.21
CA ASN B 57 -7.48 -12.75 -20.22
C ASN B 57 -7.43 -11.81 -19.01
N THR B 58 -7.99 -10.62 -19.17
CA THR B 58 -7.85 -9.55 -18.20
C THR B 58 -9.21 -9.04 -17.76
N LYS B 59 -9.21 -8.33 -16.63
CA LYS B 59 -10.39 -7.64 -16.13
C LYS B 59 -9.88 -6.39 -15.42
N TYR B 60 -10.40 -5.22 -15.79
CA TYR B 60 -9.87 -3.96 -15.29
C TYR B 60 -10.93 -3.22 -14.49
N SER B 61 -10.46 -2.46 -13.50
CA SER B 61 -11.33 -1.54 -12.78
C SER B 61 -11.76 -0.41 -13.70
N GLN B 62 -13.07 -0.15 -13.73
CA GLN B 62 -13.63 0.90 -14.57
C GLN B 62 -13.16 2.29 -14.15
N LYS B 63 -12.62 2.44 -12.94
CA LYS B 63 -12.12 3.73 -12.49
C LYS B 63 -10.95 4.23 -13.34
N PHE B 64 -10.25 3.34 -14.03
CA PHE B 64 -9.08 3.72 -14.81
C PHE B 64 -9.39 4.03 -16.27
N HIS B 65 -10.60 3.71 -16.74
CA HIS B 65 -11.10 4.17 -18.03
C HIS B 65 -10.18 3.76 -19.18
N GLY B 66 -9.80 2.48 -19.20
CA GLY B 66 -8.99 1.97 -20.28
C GLY B 66 -7.53 2.37 -20.26
N ARG B 67 -7.08 3.07 -19.21
CA ARG B 67 -5.69 3.53 -19.18
C ARG B 67 -4.72 2.46 -18.70
N VAL B 68 -5.19 1.37 -18.11
CA VAL B 68 -4.32 0.33 -17.59
C VAL B 68 -4.45 -0.91 -18.46
N ALA B 69 -3.32 -1.52 -18.78
CA ALA B 69 -3.28 -2.76 -19.55
C ALA B 69 -2.39 -3.77 -18.82
N LEU B 70 -2.85 -5.01 -18.76
CA LEU B 70 -2.13 -6.07 -18.06
C LEU B 70 -1.68 -7.13 -19.05
N SER B 71 -0.47 -7.64 -18.86
CA SER B 71 0.09 -8.68 -19.70
C SER B 71 0.89 -9.64 -18.83
N ARG B 72 1.29 -10.77 -19.43
CA ARG B 72 2.04 -11.78 -18.69
C ARG B 72 2.98 -12.51 -19.64
N ASP B 73 4.09 -13.00 -19.09
CA ASP B 73 5.05 -13.82 -19.82
C ASP B 73 5.30 -15.08 -18.98
N THR B 74 4.68 -16.18 -19.39
CA THR B 74 4.80 -17.41 -18.61
C THR B 74 6.23 -17.96 -18.63
N SER B 75 6.96 -17.74 -19.73
CA SER B 75 8.36 -18.15 -19.76
C SER B 75 9.20 -17.39 -18.74
N ALA B 76 8.84 -16.15 -18.46
CA ALA B 76 9.56 -15.32 -17.49
C ALA B 76 8.91 -15.31 -16.12
N SER B 77 7.73 -15.94 -15.98
CA SER B 77 7.01 -15.98 -14.71
C SER B 77 6.73 -14.57 -14.19
N THR B 78 6.32 -13.68 -15.09
CA THR B 78 6.20 -12.27 -14.77
C THR B 78 4.94 -11.69 -15.40
N THR B 79 4.21 -10.90 -14.62
CA THR B 79 3.10 -10.11 -15.11
C THR B 79 3.51 -8.64 -15.16
N TYR B 80 2.90 -7.90 -16.08
CA TYR B 80 3.26 -6.51 -16.32
C TYR B 80 2.01 -5.64 -16.27
N MET B 81 2.14 -4.47 -15.66
CA MET B 81 1.07 -3.46 -15.66
C MET B 81 1.56 -2.23 -16.39
N ASP B 82 0.82 -1.82 -17.41
CA ASP B 82 1.12 -0.61 -18.17
C ASP B 82 -0.01 0.37 -17.94
N LEU B 83 0.33 1.51 -17.33
CA LEU B 83 -0.64 2.56 -17.03
C LEU B 83 -0.26 3.78 -17.86
N SER B 84 -1.11 4.12 -18.81
CA SER B 84 -0.85 5.22 -19.73
CA SER B 84 -0.85 5.22 -19.73
C SER B 84 -1.59 6.48 -19.30
N SER B 85 -1.27 7.59 -19.96
CA SER B 85 -1.86 8.89 -19.70
C SER B 85 -1.83 9.22 -18.20
N LEU B 86 -0.62 9.16 -17.65
CA LEU B 86 -0.43 9.34 -16.22
C LEU B 86 -0.77 10.76 -15.80
N ASN B 87 -1.39 10.89 -14.64
CA ASN B 87 -1.73 12.15 -14.03
C ASN B 87 -1.27 12.13 -12.57
N SER B 88 -1.44 13.26 -11.88
CA SER B 88 -0.90 13.38 -10.53
C SER B 88 -1.58 12.42 -9.56
N GLU B 89 -2.86 12.10 -9.78
CA GLU B 89 -3.54 11.16 -8.90
C GLU B 89 -3.03 9.73 -9.08
N ASP B 90 -2.18 9.47 -10.06
CA ASP B 90 -1.61 8.13 -10.26
C ASP B 90 -0.33 7.92 -9.45
N THR B 91 0.13 8.92 -8.73
CA THR B 91 1.28 8.73 -7.83
C THR B 91 0.87 7.78 -6.71
N ALA B 92 1.52 6.63 -6.64
CA ALA B 92 1.09 5.56 -5.75
C ALA B 92 2.10 4.42 -5.81
N VAL B 93 2.04 3.56 -4.81
CA VAL B 93 2.76 2.29 -4.82
C VAL B 93 1.87 1.25 -5.47
N TYR B 94 2.41 0.53 -6.44
CA TYR B 94 1.64 -0.42 -7.23
C TYR B 94 2.06 -1.83 -6.82
N TYR B 95 1.17 -2.53 -6.11
CA TYR B 95 1.44 -3.89 -5.68
C TYR B 95 0.89 -4.88 -6.71
N CYS B 96 1.52 -6.05 -6.77
CA CYS B 96 0.94 -7.23 -7.38
C CYS B 96 0.72 -8.27 -6.31
N ALA B 97 -0.34 -9.06 -6.46
CA ALA B 97 -0.73 -10.03 -5.46
C ALA B 97 -1.24 -11.30 -6.13
N ARG B 98 -0.99 -12.43 -5.50
CA ARG B 98 -1.45 -13.73 -5.99
C ARG B 98 -2.88 -13.98 -5.53
N ALA B 99 -3.73 -14.44 -6.45
CA ALA B 99 -5.12 -14.77 -6.13
C ALA B 99 -5.18 -16.22 -5.66
N PHE B 100 -5.54 -16.41 -4.40
CA PHE B 100 -5.81 -17.74 -3.84
C PHE B 100 -7.32 -17.92 -3.77
N TYR B 101 -7.84 -18.91 -4.50
CA TYR B 101 -9.29 -19.05 -4.63
C TYR B 101 -9.94 -19.40 -3.30
N TYR B 102 -11.12 -18.83 -3.07
CA TYR B 102 -11.94 -19.15 -1.92
C TYR B 102 -13.40 -19.03 -2.34
N SER B 103 -14.21 -20.01 -1.94
CA SER B 103 -15.57 -20.14 -2.44
C SER B 103 -16.40 -18.89 -2.19
N SER B 104 -16.06 -18.08 -1.20
CA SER B 104 -16.77 -16.84 -0.90
C SER B 104 -15.93 -15.61 -1.25
N GLY B 105 -15.12 -15.72 -2.30
CA GLY B 105 -14.32 -14.60 -2.76
C GLY B 105 -12.84 -14.86 -2.63
N VAL B 106 -12.08 -14.64 -3.70
CA VAL B 106 -10.66 -14.94 -3.66
C VAL B 106 -9.96 -14.05 -2.64
N MET B 107 -8.77 -14.48 -2.22
CA MET B 107 -7.93 -13.74 -1.31
C MET B 107 -6.58 -13.47 -1.97
N PHE B 108 -5.84 -12.53 -1.41
CA PHE B 108 -4.51 -12.17 -1.90
C PHE B 108 -3.51 -12.60 -0.85
N ASP B 109 -3.11 -13.87 -0.93
CA ASP B 109 -2.31 -14.50 0.12
C ASP B 109 -0.84 -14.12 0.04
N SER B 110 -0.37 -13.59 -1.10
CA SER B 110 1.02 -13.22 -1.28
C SER B 110 1.09 -11.91 -2.05
N TRP B 111 1.75 -10.93 -1.47
CA TRP B 111 1.88 -9.59 -2.06
C TRP B 111 3.32 -9.33 -2.46
N GLY B 112 3.49 -8.67 -3.60
CA GLY B 112 4.80 -8.13 -3.95
C GLY B 112 5.16 -6.96 -3.07
N GLN B 113 6.44 -6.56 -3.14
CA GLN B 113 6.92 -5.48 -2.29
C GLN B 113 6.42 -4.12 -2.74
N GLY B 114 5.89 -4.00 -3.94
CA GLY B 114 5.39 -2.71 -4.40
C GLY B 114 6.42 -1.94 -5.20
N ALA B 115 5.91 -1.10 -6.09
CA ALA B 115 6.74 -0.21 -6.91
C ALA B 115 6.15 1.18 -6.83
N LEU B 116 6.98 2.16 -6.44
CA LEU B 116 6.53 3.54 -6.34
C LEU B 116 6.57 4.19 -7.72
N VAL B 117 5.44 4.71 -8.16
CA VAL B 117 5.34 5.47 -9.40
C VAL B 117 5.05 6.91 -9.00
N THR B 118 5.98 7.81 -9.32
CA THR B 118 5.82 9.24 -9.05
C THR B 118 5.50 9.94 -10.36
N VAL B 119 4.44 10.75 -10.34
CA VAL B 119 4.03 11.54 -11.50
C VAL B 119 4.22 13.00 -11.14
N SER B 120 5.17 13.64 -11.83
CA SER B 120 5.56 14.99 -11.50
C SER B 120 6.05 15.70 -12.74
N SER B 121 5.80 17.00 -12.81
CA SER B 121 6.36 17.83 -13.87
C SER B 121 7.73 18.37 -13.51
N ALA B 122 8.14 18.27 -12.25
CA ALA B 122 9.43 18.83 -11.84
C ALA B 122 10.56 17.96 -12.37
N PRO B 123 11.71 18.56 -12.70
CA PRO B 123 12.78 17.79 -13.31
C PRO B 123 13.42 16.82 -12.32
N THR B 124 14.02 15.77 -12.87
CA THR B 124 14.82 14.85 -12.08
C THR B 124 16.22 15.43 -11.92
N LYS B 125 16.70 15.50 -10.68
CA LYS B 125 17.98 16.13 -10.40
C LYS B 125 18.71 15.32 -9.34
N ALA B 126 20.01 15.11 -9.57
CA ALA B 126 20.81 14.34 -8.63
C ALA B 126 21.11 15.16 -7.37
N PRO B 127 21.32 14.50 -6.24
CA PRO B 127 21.55 15.25 -5.00
C PRO B 127 22.96 15.81 -4.90
N ASP B 128 23.05 16.97 -4.25
CA ASP B 128 24.31 17.46 -3.71
C ASP B 128 24.49 16.86 -2.33
N VAL B 129 25.70 16.39 -2.03
CA VAL B 129 25.99 15.78 -0.74
C VAL B 129 27.14 16.56 -0.11
N PHE B 130 26.92 17.04 1.12
CA PHE B 130 27.90 17.82 1.85
C PHE B 130 28.29 17.12 3.13
N PRO B 131 29.59 16.94 3.39
CA PRO B 131 30.01 16.40 4.70
C PRO B 131 29.83 17.46 5.78
N ILE B 132 29.00 17.15 6.78
CA ILE B 132 28.78 18.05 7.90
C ILE B 132 29.26 17.37 9.17
N ILE B 133 29.64 18.17 10.16
CA ILE B 133 30.35 17.65 11.32
C ILE B 133 30.05 18.52 12.53
N SER B 134 29.89 17.88 13.68
CA SER B 134 29.72 18.55 14.95
C SER B 134 30.92 18.22 15.84
N GLY B 135 31.50 19.25 16.45
CA GLY B 135 32.66 19.07 17.29
C GLY B 135 34.00 19.36 16.65
N CYS B 136 34.01 19.89 15.42
CA CYS B 136 35.24 20.22 14.68
C CYS B 136 35.96 18.97 14.20
N ARG B 137 36.73 19.09 13.12
CA ARG B 137 37.43 17.94 12.56
C ARG B 137 38.51 17.43 13.51
N HIS B 138 39.22 18.34 14.17
CA HIS B 138 40.25 17.99 15.15
C HIS B 138 39.93 18.72 16.44
N PRO B 139 39.13 18.11 17.31
CA PRO B 139 38.72 18.81 18.53
C PRO B 139 39.90 18.99 19.47
N LYS B 140 39.93 20.16 20.10
CA LYS B 140 40.90 20.45 21.15
C LYS B 140 40.29 20.39 22.55
N ASP B 141 38.96 20.24 22.65
CA ASP B 141 38.24 20.33 23.91
C ASP B 141 37.59 19.02 24.33
N ASN B 142 38.12 17.88 23.87
CA ASN B 142 37.59 16.56 24.21
C ASN B 142 36.14 16.37 23.78
N SER B 143 35.65 17.19 22.85
CA SER B 143 34.27 17.03 22.41
C SER B 143 34.15 15.80 21.49
N PRO B 144 33.07 15.04 21.61
CA PRO B 144 32.86 13.96 20.65
C PRO B 144 32.59 14.53 19.27
N VAL B 145 33.01 13.79 18.25
CA VAL B 145 32.79 14.16 16.86
C VAL B 145 31.59 13.39 16.34
N VAL B 146 30.63 14.11 15.75
CA VAL B 146 29.50 13.51 15.06
C VAL B 146 29.64 13.81 13.58
N LEU B 147 29.60 12.77 12.76
CA LEU B 147 29.64 12.93 11.31
C LEU B 147 28.25 12.72 10.73
N ALA B 148 27.91 13.54 9.73
CA ALA B 148 26.68 13.38 8.99
C ALA B 148 26.89 13.90 7.58
N CYS B 149 25.97 13.55 6.69
CA CYS B 149 25.98 14.05 5.31
C CYS B 149 24.67 14.76 5.03
N LEU B 150 24.77 16.01 4.59
CA LEU B 150 23.62 16.78 4.15
C LEU B 150 23.38 16.49 2.68
N ILE B 151 22.17 16.03 2.36
CA ILE B 151 21.82 15.56 1.02
C ILE B 151 20.67 16.43 0.53
N THR B 152 20.93 17.27 -0.47
CA THR B 152 19.96 18.28 -0.83
C THR B 152 19.90 18.48 -2.33
N GLY B 153 18.82 19.10 -2.78
CA GLY B 153 18.67 19.47 -4.17
C GLY B 153 18.31 18.35 -5.12
N TYR B 154 17.72 17.27 -4.62
CA TYR B 154 17.39 16.12 -5.46
C TYR B 154 15.89 16.00 -5.69
N HIS B 155 15.55 15.27 -6.74
CA HIS B 155 14.16 15.03 -7.11
C HIS B 155 14.11 13.90 -8.13
N PRO B 156 13.19 12.95 -8.00
CA PRO B 156 12.27 12.90 -6.86
C PRO B 156 12.86 12.13 -5.67
N THR B 157 12.05 11.86 -4.66
CA THR B 157 12.44 10.88 -3.65
C THR B 157 12.48 9.50 -4.29
N SER B 158 13.32 8.61 -3.75
CA SER B 158 14.15 8.85 -2.57
C SER B 158 15.62 8.59 -2.84
N VAL B 159 16.43 8.78 -1.80
CA VAL B 159 17.85 8.44 -1.81
C VAL B 159 18.08 7.34 -0.78
N THR B 160 19.12 6.55 -1.01
CA THR B 160 19.52 5.48 -0.10
C THR B 160 20.95 5.75 0.35
N VAL B 161 21.17 5.78 1.66
CA VAL B 161 22.46 6.14 2.24
C VAL B 161 23.00 4.96 3.04
N THR B 162 24.28 4.66 2.85
CA THR B 162 24.99 3.71 3.69
C THR B 162 26.33 4.31 4.08
N TRP B 163 26.81 3.93 5.26
CA TRP B 163 28.09 4.39 5.77
C TRP B 163 29.09 3.25 5.78
N TYR B 164 30.36 3.59 5.55
CA TYR B 164 31.42 2.59 5.49
C TYR B 164 32.64 3.08 6.24
N MET B 165 33.17 2.22 7.11
CA MET B 165 34.48 2.42 7.74
C MET B 165 35.43 1.47 7.01
N GLY B 166 36.08 1.98 5.98
CA GLY B 166 36.77 1.12 5.03
C GLY B 166 35.74 0.42 4.15
N THR B 167 35.73 -0.91 4.17
CA THR B 167 34.70 -1.67 3.48
C THR B 167 33.62 -2.18 4.43
N GLN B 168 33.79 -2.00 5.74
CA GLN B 168 32.80 -2.44 6.71
C GLN B 168 31.66 -1.43 6.79
N SER B 169 30.43 -1.93 6.63
CA SER B 169 29.25 -1.10 6.79
C SER B 169 29.12 -0.63 8.23
N GLN B 170 28.58 0.57 8.41
CA GLN B 170 28.50 1.18 9.73
C GLN B 170 27.08 1.58 10.08
N PRO B 171 26.68 1.45 11.33
CA PRO B 171 25.32 1.86 11.72
C PRO B 171 25.09 3.34 11.47
N GLN B 172 23.87 3.66 11.07
CA GLN B 172 23.49 5.04 10.75
C GLN B 172 22.17 5.38 11.42
N ARG B 173 21.84 6.66 11.38
CA ARG B 173 20.54 7.15 11.82
C ARG B 173 19.86 7.81 10.64
N THR B 174 18.63 7.40 10.38
CA THR B 174 17.83 7.88 9.25
C THR B 174 16.91 9.00 9.70
N PHE B 175 16.58 9.87 8.76
CA PHE B 175 15.75 11.04 9.02
C PHE B 175 14.78 11.20 7.86
N PRO B 176 13.66 11.89 8.08
CA PRO B 176 12.68 12.04 7.01
C PRO B 176 13.22 12.94 5.90
N GLU B 177 12.67 12.75 4.71
CA GLU B 177 12.97 13.62 3.57
C GLU B 177 11.90 14.69 3.48
N ILE B 178 12.31 15.94 3.37
CA ILE B 178 11.39 17.07 3.35
C ILE B 178 11.56 17.81 2.04
N GLN B 179 10.43 18.25 1.47
CA GLN B 179 10.47 19.01 0.23
C GLN B 179 10.78 20.47 0.54
N ARG B 180 11.85 20.98 -0.08
CA ARG B 180 12.30 22.34 0.15
C ARG B 180 11.33 23.34 -0.46
N ARG B 181 11.64 24.63 -0.26
CA ARG B 181 10.81 25.69 -0.84
C ARG B 181 10.91 25.69 -2.37
N ASP B 182 12.03 25.19 -2.92
CA ASP B 182 12.25 25.16 -4.35
C ASP B 182 11.77 23.87 -4.99
N SER B 183 10.85 23.16 -4.33
CA SER B 183 10.23 21.92 -4.79
C SER B 183 11.22 20.74 -4.82
N TYR B 184 12.51 21.01 -4.64
CA TYR B 184 13.47 19.95 -4.47
C TYR B 184 13.43 19.41 -3.03
N TYR B 185 14.11 18.29 -2.81
CA TYR B 185 14.07 17.59 -1.53
C TYR B 185 15.43 17.69 -0.84
N MET B 186 15.42 17.57 0.49
CA MET B 186 16.66 17.45 1.23
C MET B 186 16.45 16.52 2.41
N THR B 187 17.54 15.92 2.86
CA THR B 187 17.52 14.99 3.98
C THR B 187 18.93 14.90 4.53
N SER B 188 19.08 14.17 5.63
CA SER B 188 20.37 13.96 6.25
C SER B 188 20.50 12.52 6.69
N SER B 189 21.73 12.04 6.74
CA SER B 189 22.05 10.73 7.29
C SER B 189 23.23 10.91 8.25
N GLN B 190 23.06 10.48 9.48
CA GLN B 190 24.08 10.65 10.51
C GLN B 190 24.77 9.32 10.77
N LEU B 191 26.10 9.36 10.83
CA LEU B 191 26.86 8.24 11.37
C LEU B 191 26.53 8.08 12.84
N SER B 192 26.12 6.88 13.24
CA SER B 192 25.51 6.69 14.55
C SER B 192 26.53 6.78 15.67
N THR B 193 27.68 6.12 15.51
CA THR B 193 28.68 6.10 16.57
C THR B 193 29.51 7.37 16.54
N PRO B 194 29.58 8.12 17.65
CA PRO B 194 30.46 9.28 17.70
C PRO B 194 31.92 8.88 17.52
N LEU B 195 32.72 9.83 17.08
CA LEU B 195 34.13 9.56 16.81
C LEU B 195 35.02 10.43 17.69
N GLN B 196 36.30 10.06 17.71
CA GLN B 196 37.33 10.89 18.34
C GLN B 196 38.34 11.34 17.28
N GLN B 197 39.20 10.45 16.79
CA GLN B 197 40.12 10.74 15.71
C GLN B 197 40.06 9.62 14.68
N TRP B 198 40.39 9.95 13.44
CA TRP B 198 40.39 8.94 12.38
C TRP B 198 41.25 9.43 11.22
N ARG B 199 41.84 8.47 10.53
CA ARG B 199 42.64 8.77 9.34
C ARG B 199 41.74 9.27 8.21
N GLN B 200 42.22 10.29 7.50
CA GLN B 200 41.44 10.91 6.45
C GLN B 200 41.04 9.89 5.39
N GLY B 201 39.73 9.72 5.20
CA GLY B 201 39.20 8.74 4.29
C GLY B 201 38.71 7.46 4.92
N GLU B 202 38.78 7.35 6.24
CA GLU B 202 38.36 6.12 6.92
C GLU B 202 36.85 5.94 6.85
N TYR B 203 36.09 7.02 6.97
CA TYR B 203 34.64 6.95 6.94
C TYR B 203 34.10 7.60 5.67
N LYS B 204 32.94 7.13 5.23
CA LYS B 204 32.33 7.68 4.04
C LYS B 204 30.82 7.42 4.07
N CYS B 205 30.07 8.34 3.48
CA CYS B 205 28.66 8.18 3.24
C CYS B 205 28.44 8.00 1.73
N VAL B 206 27.68 6.99 1.36
CA VAL B 206 27.38 6.69 -0.04
C VAL B 206 25.89 6.96 -0.24
N VAL B 207 25.58 7.86 -1.17
CA VAL B 207 24.22 8.33 -1.41
C VAL B 207 23.83 7.89 -2.81
N GLN B 208 22.88 6.96 -2.90
CA GLN B 208 22.38 6.46 -4.17
C GLN B 208 21.05 7.14 -4.50
N HIS B 209 20.89 7.57 -5.74
CA HIS B 209 19.65 8.18 -6.23
C HIS B 209 19.34 7.50 -7.57
N THR B 210 18.48 6.49 -7.52
CA THR B 210 18.20 5.69 -8.70
CA THR B 210 18.21 5.69 -8.71
C THR B 210 17.57 6.53 -9.81
N ALA B 211 16.70 7.47 -9.44
CA ALA B 211 16.00 8.29 -10.42
C ALA B 211 16.97 8.98 -11.39
N SER B 212 18.09 9.47 -10.87
CA SER B 212 19.09 10.17 -11.67
C SER B 212 20.25 9.28 -12.06
N LYS B 213 20.15 7.97 -11.80
CA LYS B 213 21.21 7.01 -12.13
C LYS B 213 22.57 7.45 -11.58
N SER B 214 22.56 8.10 -10.42
CA SER B 214 23.77 8.65 -9.83
C SER B 214 24.00 8.06 -8.44
N LYS B 215 25.27 7.85 -8.13
CA LYS B 215 25.71 7.47 -6.78
C LYS B 215 26.86 8.38 -6.40
N LYS B 216 26.76 9.02 -5.23
CA LYS B 216 27.75 9.99 -4.80
C LYS B 216 28.33 9.56 -3.47
N GLU B 217 29.66 9.52 -3.38
CA GLU B 217 30.38 9.19 -2.17
C GLU B 217 31.09 10.42 -1.62
N ILE B 218 31.06 10.56 -0.30
CA ILE B 218 31.80 11.60 0.40
C ILE B 218 32.67 10.90 1.42
N PHE B 219 33.99 10.99 1.26
CA PHE B 219 34.88 10.29 2.17
C PHE B 219 35.93 11.22 2.77
N ARG B 220 35.64 12.52 2.82
CA ARG B 220 36.60 13.46 3.39
C ARG B 220 35.86 14.58 4.09
N TRP B 221 36.18 14.77 5.36
CA TRP B 221 35.74 15.94 6.11
C TRP B 221 36.94 16.85 6.30
N PRO B 222 37.02 17.97 5.59
CA PRO B 222 38.27 18.74 5.55
C PRO B 222 38.60 19.38 6.89
N GLU B 223 39.79 19.96 6.96
CA GLU B 223 40.23 20.68 8.15
C GLU B 223 39.19 21.70 8.57
N SER B 224 38.94 21.77 9.86
CA SER B 224 37.78 22.49 10.36
C SER B 224 37.94 23.99 10.11
N PRO B 225 36.94 24.66 9.52
CA PRO B 225 36.94 26.11 9.32
C PRO B 225 36.55 26.88 10.58
N GLN C 2 -16.43 -2.71 -20.33
CA GLN C 2 -17.78 -2.44 -19.85
C GLN C 2 -18.68 -3.66 -20.06
N VAL C 3 -18.34 -4.74 -19.36
CA VAL C 3 -19.14 -5.96 -19.43
C VAL C 3 -20.50 -5.71 -18.79
N GLN C 4 -21.56 -6.12 -19.47
CA GLN C 4 -22.92 -5.98 -18.99
C GLN C 4 -23.62 -7.34 -18.99
N LEU C 5 -24.38 -7.60 -17.93
CA LEU C 5 -25.19 -8.81 -17.81
C LEU C 5 -26.60 -8.36 -17.45
N GLN C 6 -27.55 -8.53 -18.37
CA GLN C 6 -28.91 -8.07 -18.18
C GLN C 6 -29.85 -9.26 -18.04
N GLU C 7 -30.49 -9.38 -16.88
CA GLU C 7 -31.48 -10.43 -16.65
C GLU C 7 -32.83 -10.03 -17.21
N SER C 8 -33.63 -11.03 -17.54
CA SER C 8 -35.01 -10.82 -17.95
C SER C 8 -35.76 -12.13 -17.82
N GLY C 9 -37.09 -12.05 -17.91
CA GLY C 9 -37.94 -13.21 -17.81
C GLY C 9 -38.55 -13.44 -16.44
N GLY C 10 -38.21 -12.61 -15.45
CA GLY C 10 -38.78 -12.77 -14.12
C GLY C 10 -40.26 -12.44 -14.09
N GLY C 11 -40.85 -12.64 -12.91
CA GLY C 11 -42.25 -12.32 -12.71
C GLY C 11 -42.87 -13.18 -11.63
N LEU C 12 -44.20 -13.23 -11.64
CA LEU C 12 -44.98 -13.92 -10.62
C LEU C 12 -45.72 -15.10 -11.23
N VAL C 13 -45.52 -16.29 -10.66
CA VAL C 13 -46.10 -17.52 -11.16
C VAL C 13 -46.75 -18.29 -10.01
N GLN C 14 -47.67 -19.18 -10.37
CA GLN C 14 -48.30 -20.08 -9.41
C GLN C 14 -47.45 -21.33 -9.24
N ALA C 15 -47.54 -21.92 -8.05
CA ALA C 15 -46.83 -23.16 -7.74
C ALA C 15 -47.10 -24.20 -8.81
N GLY C 16 -46.04 -24.90 -9.22
CA GLY C 16 -46.12 -25.84 -10.32
C GLY C 16 -46.00 -25.22 -11.70
N GLY C 17 -45.95 -23.89 -11.79
CA GLY C 17 -45.81 -23.22 -13.07
C GLY C 17 -44.37 -23.17 -13.54
N SER C 18 -44.17 -22.48 -14.66
CA SER C 18 -42.86 -22.41 -15.31
C SER C 18 -42.49 -20.97 -15.59
N LEU C 19 -41.18 -20.75 -15.71
CA LEU C 19 -40.61 -19.47 -16.08
C LEU C 19 -39.30 -19.71 -16.81
N ARG C 20 -39.02 -18.87 -17.80
CA ARG C 20 -37.73 -18.91 -18.49
C ARG C 20 -37.03 -17.58 -18.28
N LEU C 21 -35.86 -17.62 -17.64
CA LEU C 21 -35.04 -16.44 -17.49
C LEU C 21 -33.99 -16.38 -18.58
N SER C 22 -33.62 -15.16 -18.96
CA SER C 22 -32.58 -14.95 -19.95
C SER C 22 -31.57 -13.93 -19.44
N CYS C 23 -30.33 -14.11 -19.84
CA CYS C 23 -29.23 -13.22 -19.47
C CYS C 23 -28.53 -12.78 -20.74
N ALA C 24 -28.73 -11.53 -21.13
CA ALA C 24 -28.09 -10.98 -22.32
C ALA C 24 -26.72 -10.44 -21.94
N ALA C 25 -25.67 -10.98 -22.55
CA ALA C 25 -24.30 -10.62 -22.23
C ALA C 25 -23.74 -9.71 -23.32
N SER C 26 -22.96 -8.70 -22.92
CA SER C 26 -22.38 -7.76 -23.87
C SER C 26 -21.14 -7.13 -23.26
N GLY C 27 -20.25 -6.69 -24.13
CA GLY C 27 -19.04 -6.01 -23.71
C GLY C 27 -17.86 -6.91 -23.41
N PHE C 28 -17.96 -8.21 -23.67
CA PHE C 28 -16.88 -9.13 -23.35
C PHE C 28 -15.77 -9.04 -24.39
N THR C 29 -14.54 -8.82 -23.92
CA THR C 29 -13.36 -8.86 -24.77
C THR C 29 -12.74 -10.25 -24.86
N PHE C 30 -13.36 -11.24 -24.21
CA PHE C 30 -12.95 -12.64 -24.26
C PHE C 30 -14.22 -13.48 -24.24
N ASP C 31 -14.11 -14.73 -24.69
CA ASP C 31 -15.29 -15.58 -24.79
C ASP C 31 -15.16 -16.92 -24.06
N ASP C 32 -14.06 -17.16 -23.35
CA ASP C 32 -13.97 -18.36 -22.49
C ASP C 32 -14.41 -17.97 -21.08
N TYR C 33 -15.72 -17.83 -20.92
CA TYR C 33 -16.30 -17.51 -19.63
C TYR C 33 -17.53 -18.39 -19.40
N ALA C 34 -17.74 -18.75 -18.14
CA ALA C 34 -18.92 -19.48 -17.73
C ALA C 34 -19.98 -18.51 -17.23
N ILE C 35 -21.25 -18.87 -17.42
CA ILE C 35 -22.38 -18.07 -16.98
C ILE C 35 -23.12 -18.85 -15.90
N GLY C 36 -23.31 -18.22 -14.75
CA GLY C 36 -24.00 -18.83 -13.64
C GLY C 36 -25.27 -18.07 -13.29
N TRP C 37 -26.22 -18.79 -12.71
CA TRP C 37 -27.45 -18.21 -12.21
C TRP C 37 -27.47 -18.37 -10.70
N PHE C 38 -27.59 -17.25 -9.99
CA PHE C 38 -27.65 -17.23 -8.54
C PHE C 38 -28.99 -16.67 -8.10
N ARG C 39 -29.47 -17.11 -6.94
CA ARG C 39 -30.71 -16.59 -6.41
C ARG C 39 -30.52 -16.23 -4.94
N GLN C 40 -31.20 -15.17 -4.52
CA GLN C 40 -31.14 -14.67 -3.15
C GLN C 40 -32.56 -14.49 -2.64
N ALA C 41 -32.99 -15.40 -1.78
CA ALA C 41 -34.29 -15.30 -1.15
C ALA C 41 -34.27 -14.16 -0.14
N PRO C 42 -35.45 -13.60 0.20
CA PRO C 42 -35.50 -12.49 1.17
C PRO C 42 -34.80 -12.83 2.49
N GLY C 43 -33.82 -12.03 2.85
CA GLY C 43 -33.08 -12.25 4.08
C GLY C 43 -32.15 -13.44 4.05
N LYS C 44 -31.47 -13.66 2.92
CA LYS C 44 -30.53 -14.76 2.79
C LYS C 44 -29.39 -14.31 1.88
N GLU C 45 -28.46 -15.22 1.63
CA GLU C 45 -27.31 -14.96 0.77
C GLU C 45 -27.59 -15.37 -0.66
N ARG C 46 -26.67 -15.05 -1.56
CA ARG C 46 -26.76 -15.46 -2.95
C ARG C 46 -26.18 -16.86 -3.10
N GLU C 47 -27.02 -17.79 -3.52
CA GLU C 47 -26.65 -19.20 -3.65
C GLU C 47 -26.68 -19.62 -5.12
N GLY C 48 -25.71 -20.44 -5.51
CA GLY C 48 -25.63 -20.88 -6.89
C GLY C 48 -26.74 -21.85 -7.23
N VAL C 49 -27.44 -21.59 -8.33
CA VAL C 49 -28.53 -22.44 -8.80
C VAL C 49 -28.02 -23.37 -9.89
N SER C 50 -27.49 -22.79 -10.97
CA SER C 50 -26.93 -23.57 -12.06
C SER C 50 -25.95 -22.71 -12.84
N GLY C 51 -24.98 -23.37 -13.48
CA GLY C 51 -24.00 -22.68 -14.27
C GLY C 51 -23.69 -23.48 -15.53
N ILE C 52 -23.12 -22.77 -16.51
CA ILE C 52 -22.76 -23.40 -17.79
C ILE C 52 -21.50 -22.72 -18.32
N ARG C 53 -20.56 -23.53 -18.79
CA ARG C 53 -19.38 -23.02 -19.48
C ARG C 53 -19.70 -22.88 -20.96
N ARG C 54 -19.46 -21.69 -21.50
CA ARG C 54 -19.90 -21.38 -22.86
C ARG C 54 -19.16 -22.23 -23.89
N SER C 55 -17.85 -22.42 -23.71
CA SER C 55 -17.08 -23.21 -24.67
C SER C 55 -17.32 -24.71 -24.45
N ASP C 56 -17.25 -25.16 -23.20
CA ASP C 56 -17.38 -26.59 -22.92
C ASP C 56 -18.82 -27.06 -23.05
N GLY C 57 -19.79 -26.17 -22.85
CA GLY C 57 -21.17 -26.56 -22.81
C GLY C 57 -21.58 -27.34 -21.58
N SER C 58 -20.65 -27.56 -20.65
CA SER C 58 -20.94 -28.35 -19.45
C SER C 58 -21.79 -27.54 -18.48
N THR C 59 -22.78 -28.20 -17.91
CA THR C 59 -23.70 -27.58 -16.96
C THR C 59 -23.58 -28.23 -15.60
N HIS C 60 -23.85 -27.46 -14.56
CA HIS C 60 -23.97 -27.98 -13.21
C HIS C 60 -25.23 -27.39 -12.58
N TYR C 61 -25.76 -28.10 -11.58
CA TYR C 61 -27.01 -27.71 -10.94
C TYR C 61 -26.94 -27.97 -9.45
N ALA C 62 -27.59 -27.12 -8.68
CA ALA C 62 -27.77 -27.39 -7.26
C ALA C 62 -28.77 -28.52 -7.07
N ASP C 63 -28.64 -29.24 -5.96
CA ASP C 63 -29.53 -30.38 -5.70
C ASP C 63 -30.98 -29.96 -5.59
N SER C 64 -31.23 -28.73 -5.14
CA SER C 64 -32.60 -28.26 -4.94
C SER C 64 -33.34 -28.00 -6.25
N VAL C 65 -32.63 -27.85 -7.37
CA VAL C 65 -33.26 -27.52 -8.64
C VAL C 65 -33.02 -28.57 -9.71
N LYS C 66 -32.21 -29.59 -9.43
CA LYS C 66 -31.86 -30.58 -10.44
C LYS C 66 -33.11 -31.29 -10.96
N GLY C 67 -33.21 -31.38 -12.29
CA GLY C 67 -34.37 -31.95 -12.96
C GLY C 67 -35.43 -30.93 -13.30
N ARG C 68 -35.69 -29.98 -12.39
CA ARG C 68 -36.71 -28.97 -12.63
C ARG C 68 -36.17 -27.80 -13.44
N PHE C 69 -34.88 -27.49 -13.30
CA PHE C 69 -34.27 -26.35 -13.98
C PHE C 69 -33.40 -26.83 -15.12
N THR C 70 -33.39 -26.05 -16.21
CA THR C 70 -32.61 -26.37 -17.40
C THR C 70 -31.91 -25.10 -17.85
N ILE C 71 -30.58 -25.11 -17.82
CA ILE C 71 -29.78 -23.98 -18.29
C ILE C 71 -29.23 -24.31 -19.66
N SER C 72 -29.34 -23.36 -20.58
CA SER C 72 -28.89 -23.55 -21.96
C SER C 72 -28.27 -22.27 -22.46
N THR C 73 -27.30 -22.42 -23.34
CA THR C 73 -26.58 -21.28 -23.89
C THR C 73 -26.84 -21.18 -25.40
N ASP C 74 -26.74 -19.95 -25.91
CA ASP C 74 -26.93 -19.63 -27.32
C ASP C 74 -25.85 -18.59 -27.65
N ASN C 75 -24.63 -19.08 -27.89
CA ASN C 75 -23.48 -18.19 -28.03
C ASN C 75 -23.63 -17.22 -29.21
N ALA C 76 -24.39 -17.62 -30.23
CA ALA C 76 -24.62 -16.72 -31.36
C ALA C 76 -25.33 -15.45 -30.92
N LYS C 77 -26.28 -15.57 -30.00
CA LYS C 77 -27.00 -14.43 -29.45
C LYS C 77 -26.41 -13.94 -28.13
N ASN C 78 -25.34 -14.57 -27.64
CA ASN C 78 -24.71 -14.20 -26.38
C ASN C 78 -25.71 -14.18 -25.23
N THR C 79 -26.63 -15.15 -25.24
CA THR C 79 -27.69 -15.23 -24.25
C THR C 79 -27.66 -16.61 -23.61
N VAL C 80 -27.86 -16.64 -22.29
CA VAL C 80 -28.00 -17.88 -21.53
C VAL C 80 -29.40 -17.91 -20.94
N TYR C 81 -30.10 -19.02 -21.13
CA TYR C 81 -31.46 -19.18 -20.66
C TYR C 81 -31.50 -20.11 -19.46
N LEU C 82 -32.41 -19.81 -18.53
CA LEU C 82 -32.68 -20.68 -17.38
C LEU C 82 -34.16 -21.05 -17.41
N GLN C 83 -34.45 -22.24 -17.91
CA GLN C 83 -35.81 -22.75 -17.91
C GLN C 83 -36.12 -23.32 -16.53
N MET C 84 -37.16 -22.79 -15.90
CA MET C 84 -37.55 -23.19 -14.56
C MET C 84 -38.93 -23.83 -14.61
N ASN C 85 -39.00 -25.11 -14.27
CA ASN C 85 -40.25 -25.86 -14.30
C ASN C 85 -40.61 -26.32 -12.90
N ASN C 86 -41.89 -26.60 -12.72
CA ASN C 86 -42.44 -27.09 -11.45
C ASN C 86 -41.96 -26.21 -10.29
N LEU C 87 -42.27 -24.93 -10.40
CA LEU C 87 -41.77 -23.95 -9.45
C LEU C 87 -42.49 -24.09 -8.11
N LYS C 88 -41.71 -24.05 -7.04
CA LYS C 88 -42.22 -24.13 -5.68
C LYS C 88 -42.12 -22.76 -5.01
N PRO C 89 -42.96 -22.50 -4.00
CA PRO C 89 -42.83 -21.22 -3.28
C PRO C 89 -41.43 -20.98 -2.74
N GLU C 90 -40.70 -22.03 -2.37
CA GLU C 90 -39.33 -21.86 -1.90
C GLU C 90 -38.37 -21.41 -3.00
N ASP C 91 -38.80 -21.45 -4.27
CA ASP C 91 -37.97 -20.92 -5.35
C ASP C 91 -38.05 -19.40 -5.47
N THR C 92 -38.92 -18.75 -4.70
CA THR C 92 -39.03 -17.30 -4.73
C THR C 92 -37.73 -16.66 -4.27
N ALA C 93 -37.20 -15.76 -5.10
CA ALA C 93 -35.92 -15.12 -4.83
C ALA C 93 -35.66 -14.10 -5.92
N VAL C 94 -34.67 -13.24 -5.67
CA VAL C 94 -34.08 -12.43 -6.74
C VAL C 94 -33.05 -13.29 -7.44
N TYR C 95 -33.19 -13.44 -8.75
CA TYR C 95 -32.28 -14.27 -9.54
C TYR C 95 -31.27 -13.36 -10.23
N TYR C 96 -29.99 -13.70 -10.09
CA TYR C 96 -28.90 -12.95 -10.68
C TYR C 96 -28.16 -13.82 -11.69
N CYS C 97 -27.70 -13.23 -12.78
CA CYS C 97 -26.81 -13.92 -13.69
CA CYS C 97 -26.82 -13.89 -13.73
C CYS C 97 -25.41 -13.32 -13.54
N ALA C 98 -24.42 -14.21 -13.51
CA ALA C 98 -23.05 -13.84 -13.23
C ALA C 98 -22.12 -14.56 -14.20
N ALA C 99 -20.98 -13.93 -14.49
CA ALA C 99 -20.00 -14.50 -15.39
C ALA C 99 -18.71 -14.80 -14.63
N ALA C 100 -18.00 -15.84 -15.08
CA ALA C 100 -16.75 -16.27 -14.46
C ALA C 100 -15.63 -16.04 -15.47
N GLY C 101 -14.78 -15.05 -15.19
CA GLY C 101 -13.69 -14.73 -16.09
C GLY C 101 -12.51 -15.68 -16.03
N THR C 102 -12.36 -16.39 -14.92
CA THR C 102 -11.26 -17.35 -14.77
C THR C 102 -11.81 -18.75 -14.87
N PRO C 103 -11.57 -19.47 -15.98
CA PRO C 103 -12.20 -20.80 -16.15
C PRO C 103 -11.76 -21.81 -15.10
N SER C 104 -10.56 -21.66 -14.55
CA SER C 104 -10.10 -22.58 -13.51
C SER C 104 -11.01 -22.58 -12.30
N TYR C 105 -11.60 -21.41 -11.97
CA TYR C 105 -12.50 -21.34 -10.82
C TYR C 105 -13.77 -22.13 -11.07
N TYR C 106 -14.30 -22.08 -12.31
CA TYR C 106 -15.54 -22.77 -12.61
C TYR C 106 -15.37 -24.28 -12.59
N TYR C 107 -14.21 -24.77 -13.04
CA TYR C 107 -13.95 -26.20 -12.97
C TYR C 107 -13.90 -26.70 -11.53
N THR C 108 -13.40 -25.87 -10.61
CA THR C 108 -13.30 -26.27 -9.22
C THR C 108 -14.64 -26.10 -8.50
N GLU C 109 -15.21 -24.90 -8.56
CA GLU C 109 -16.46 -24.59 -7.87
C GLU C 109 -17.40 -23.91 -8.87
N PRO C 110 -18.26 -24.67 -9.55
CA PRO C 110 -19.13 -24.06 -10.56
C PRO C 110 -20.23 -23.19 -9.98
N LEU C 111 -20.62 -23.41 -8.72
CA LEU C 111 -21.77 -22.71 -8.14
C LEU C 111 -21.39 -21.89 -6.90
N SER C 112 -20.11 -21.56 -6.74
CA SER C 112 -19.64 -20.77 -5.61
C SER C 112 -19.44 -19.32 -6.00
N LEU C 113 -19.70 -18.42 -5.04
CA LEU C 113 -19.65 -16.99 -5.30
C LEU C 113 -18.27 -16.53 -5.74
N GLY C 114 -17.22 -17.14 -5.18
CA GLY C 114 -15.87 -16.74 -5.53
C GLY C 114 -15.47 -17.05 -6.96
N THR C 115 -16.31 -17.77 -7.69
CA THR C 115 -16.01 -18.16 -9.06
C THR C 115 -16.36 -17.05 -10.05
N TYR C 116 -17.33 -16.20 -9.71
CA TYR C 116 -17.89 -15.24 -10.64
C TYR C 116 -17.48 -13.83 -10.26
N ASP C 117 -16.90 -13.11 -11.21
CA ASP C 117 -16.40 -11.75 -10.97
C ASP C 117 -17.10 -10.71 -11.84
N TYR C 118 -18.18 -11.09 -12.53
CA TYR C 118 -19.04 -10.18 -13.26
C TYR C 118 -20.48 -10.50 -12.87
N TRP C 119 -21.28 -9.47 -12.62
CA TRP C 119 -22.59 -9.65 -12.01
C TRP C 119 -23.62 -8.73 -12.65
N GLY C 120 -24.84 -9.27 -12.85
CA GLY C 120 -25.95 -8.46 -13.28
C GLY C 120 -26.77 -7.94 -12.10
N GLN C 121 -27.74 -7.09 -12.41
CA GLN C 121 -28.52 -6.42 -11.38
C GLN C 121 -29.59 -7.30 -10.76
N GLY C 122 -29.93 -8.43 -11.38
CA GLY C 122 -30.90 -9.35 -10.79
C GLY C 122 -32.33 -9.08 -11.24
N THR C 123 -33.14 -10.13 -11.22
CA THR C 123 -34.55 -10.02 -11.58
C THR C 123 -35.40 -10.82 -10.59
N GLN C 124 -36.57 -10.30 -10.27
CA GLN C 124 -37.40 -10.87 -9.22
C GLN C 124 -38.29 -11.99 -9.75
N VAL C 125 -38.34 -13.09 -9.01
CA VAL C 125 -39.18 -14.23 -9.29
C VAL C 125 -39.96 -14.56 -8.03
N THR C 126 -41.29 -14.59 -8.13
CA THR C 126 -42.15 -14.95 -7.01
C THR C 126 -43.03 -16.12 -7.42
N VAL C 127 -43.05 -17.17 -6.63
CA VAL C 127 -43.91 -18.33 -6.83
C VAL C 127 -44.91 -18.37 -5.68
N SER C 128 -46.17 -18.06 -5.98
CA SER C 128 -47.21 -18.05 -4.97
C SER C 128 -47.82 -19.44 -4.80
N SER C 129 -48.82 -19.54 -3.92
CA SER C 129 -49.49 -20.82 -3.66
C SER C 129 -50.97 -20.61 -3.43
C1 EDO D . 22.20 30.96 23.06
O1 EDO D . 20.83 31.23 23.36
C2 EDO D . 22.98 30.80 24.36
O2 EDO D . 22.32 29.86 25.20
C1 EDO E . -12.57 0.73 -6.98
O1 EDO E . -11.73 1.20 -5.91
C2 EDO E . -11.86 -0.40 -7.72
O2 EDO E . -10.75 0.13 -8.46
C1 EDO F . -5.48 5.41 -5.43
O1 EDO F . -6.59 6.14 -5.94
C2 EDO F . -5.87 4.71 -4.13
O2 EDO F . -4.81 3.82 -3.73
C1 EDO G . 33.02 9.04 21.15
O1 EDO G . 33.48 10.38 20.93
C2 EDO G . 34.18 8.08 20.93
O2 EDO G . 33.68 6.74 20.79
C1 EDO H . 28.74 19.24 -4.82
O1 EDO H . 28.46 20.63 -4.60
C2 EDO H . 27.92 18.41 -3.83
O2 EDO H . 28.09 17.02 -4.09
C1 EDO I . -8.36 6.69 -11.41
O1 EDO I . -7.15 7.32 -10.96
C2 EDO I . -8.83 5.70 -10.34
O2 EDO I . -8.96 6.39 -9.08
C1 EDO J . 18.27 3.98 12.90
O1 EDO J . 17.65 5.24 12.57
C2 EDO J . 18.08 3.01 11.74
O2 EDO J . 19.01 3.30 10.69
C1 EDO K . 2.21 4.68 -0.41
O1 EDO K . 1.87 5.84 -1.16
C2 EDO K . 1.84 4.90 1.06
O2 EDO K . 2.27 3.76 1.83
C1 EDO L . 7.07 17.68 -6.79
O1 EDO L . 6.14 17.40 -7.84
C2 EDO L . 7.05 16.55 -5.77
O2 EDO L . 7.32 15.30 -6.42
C ACT M . 14.73 25.43 1.13
O ACT M . 15.86 25.28 1.65
OXT ACT M . 13.59 25.08 1.58
CH3 ACT M . 14.70 26.10 -0.29
C ACT N . -15.23 -22.38 2.94
O ACT N . -14.25 -23.05 2.51
OXT ACT N . -15.97 -21.58 2.31
CH3 ACT N . -15.56 -22.59 4.45
NA NA O . 31.94 0.39 -0.66
C1 EDO P . -10.92 -16.04 -26.06
O1 EDO P . -11.43 -14.75 -26.38
C2 EDO P . -11.02 -16.26 -24.56
O2 EDO P . -10.34 -17.46 -24.20
#